data_3TNJ
#
_entry.id   3TNJ
#
_cell.length_a   77.809
_cell.length_b   77.809
_cell.length_c   39.949
_cell.angle_alpha   90.00
_cell.angle_beta   90.00
_cell.angle_gamma   120.00
#
_symmetry.space_group_name_H-M   'P 3 2 1'
#
loop_
_entity.id
_entity.type
_entity.pdbx_description
1 polymer 'Universal stress protein (Usp)'
2 non-polymer 'ADENOSINE MONOPHOSPHATE'
3 water water
#
_entity_poly.entity_id   1
_entity_poly.type   'polypeptide(L)'
_entity_poly.pdbx_seq_one_letter_code
;GHMSVYHHILLAVDFSSEDSQVVQKVRNLASQIGARLSLIHVLDNIPMPDTPYGTAIPLDTETTYDAMLDVEKQKLSQIG
NTLGIDPAHRWLVWGEPREEIIRIAEQENVDLIVVGSHGRHGLALLLGSTANSVLHYAKCDVLAVRLRDD
;
_entity_poly.pdbx_strand_id   A
#
loop_
_chem_comp.id
_chem_comp.type
_chem_comp.name
_chem_comp.formula
AMP non-polymer 'ADENOSINE MONOPHOSPHATE' 'C10 H14 N5 O7 P'
#
# COMPACT_ATOMS: atom_id res chain seq x y z
N SER A 4 -9.87 -7.74 20.20
CA SER A 4 -9.29 -7.66 18.81
C SER A 4 -7.88 -8.27 18.73
N VAL A 5 -7.72 -9.32 17.93
CA VAL A 5 -6.41 -9.95 17.73
C VAL A 5 -5.40 -8.95 17.10
N TYR A 6 -5.87 -8.07 16.21
CA TYR A 6 -5.04 -7.05 15.59
C TYR A 6 -5.77 -5.74 15.73
N HIS A 7 -5.04 -4.66 15.99
CA HIS A 7 -5.64 -3.33 16.17
C HIS A 7 -5.39 -2.38 15.02
N HIS A 8 -4.43 -2.68 14.15
CA HIS A 8 -4.05 -1.78 13.08
C HIS A 8 -3.52 -2.53 11.90
N ILE A 9 -4.31 -2.55 10.83
CA ILE A 9 -3.95 -3.21 9.57
C ILE A 9 -3.48 -2.19 8.53
N LEU A 10 -2.30 -2.39 7.97
CA LEU A 10 -1.80 -1.63 6.79
C LEU A 10 -1.99 -2.45 5.52
N LEU A 11 -2.88 -1.97 4.64
CA LEU A 11 -3.08 -2.51 3.31
C LEU A 11 -2.16 -1.80 2.29
N ALA A 12 -1.35 -2.61 1.60
CA ALA A 12 -0.42 -2.15 0.57
C ALA A 12 -1.04 -2.41 -0.81
N VAL A 13 -1.25 -1.36 -1.58
CA VAL A 13 -1.90 -1.51 -2.91
C VAL A 13 -0.98 -0.97 -4.01
N ASP A 14 -0.84 -1.74 -5.10
CA ASP A 14 0.06 -1.39 -6.23
C ASP A 14 -0.69 -0.81 -7.40
N PHE A 15 -2.00 -0.71 -7.25
CA PHE A 15 -2.94 -0.08 -8.21
C PHE A 15 -3.14 -0.92 -9.48
N SER A 16 -2.86 -2.20 -9.38
CA SER A 16 -3.11 -3.12 -10.45
C SER A 16 -4.59 -3.50 -10.44
N SER A 17 -4.96 -4.25 -11.48
CA SER A 17 -6.29 -4.86 -11.58
C SER A 17 -6.57 -5.75 -10.34
N GLU A 18 -5.50 -6.37 -9.84
CA GLU A 18 -5.54 -7.30 -8.69
C GLU A 18 -6.01 -6.71 -7.36
N ASP A 19 -5.87 -5.40 -7.20
CA ASP A 19 -6.20 -4.75 -5.94
C ASP A 19 -7.64 -5.03 -5.51
N SER A 20 -8.57 -5.05 -6.46
CA SER A 20 -9.99 -5.14 -6.11
C SER A 20 -10.27 -6.32 -5.19
N GLN A 21 -9.63 -7.46 -5.45
CA GLN A 21 -9.83 -8.63 -4.61
C GLN A 21 -9.53 -8.30 -3.16
N VAL A 22 -8.32 -7.80 -2.93
CA VAL A 22 -7.86 -7.52 -1.60
C VAL A 22 -8.66 -6.42 -0.89
N VAL A 23 -9.26 -5.48 -1.64
CA VAL A 23 -9.94 -4.31 -0.99
C VAL A 23 -11.20 -4.73 -0.20
N GLN A 24 -12.10 -5.49 -0.82
CA GLN A 24 -13.34 -5.84 -0.13
C GLN A 24 -13.07 -6.90 0.94
N LYS A 25 -12.15 -7.83 0.64
CA LYS A 25 -11.64 -8.76 1.65
C LYS A 25 -11.08 -8.08 2.92
N VAL A 26 -10.17 -7.14 2.72
CA VAL A 26 -9.62 -6.35 3.81
C VAL A 26 -10.65 -5.50 4.52
N ARG A 27 -11.59 -4.89 3.79
CA ARG A 27 -12.70 -4.17 4.43
C ARG A 27 -13.47 -5.04 5.45
N ASN A 28 -13.88 -6.22 5.01
CA ASN A 28 -14.58 -7.21 5.87
C ASN A 28 -13.74 -7.74 7.04
N LEU A 29 -12.48 -8.06 6.75
CA LEU A 29 -11.53 -8.53 7.76
C LEU A 29 -11.41 -7.51 8.91
N ALA A 30 -11.22 -6.25 8.52
CA ALA A 30 -10.95 -5.18 9.50
C ALA A 30 -12.16 -5.03 10.41
N SER A 31 -13.34 -5.18 9.80
CA SER A 31 -14.60 -5.04 10.53
C SER A 31 -14.78 -6.21 11.46
N GLN A 32 -14.52 -7.41 10.97
CA GLN A 32 -14.79 -8.60 11.72
C GLN A 32 -13.85 -8.70 12.90
N ILE A 33 -12.59 -8.32 12.73
CA ILE A 33 -11.64 -8.38 13.84
C ILE A 33 -11.51 -7.05 14.61
N GLY A 34 -12.15 -5.99 14.13
CA GLY A 34 -12.15 -4.72 14.85
C GLY A 34 -10.80 -4.03 14.84
N ALA A 35 -10.21 -3.90 13.64
CA ALA A 35 -8.92 -3.16 13.41
C ALA A 35 -9.09 -1.88 12.59
N ARG A 36 -8.41 -0.82 13.02
CA ARG A 36 -8.14 0.39 12.23
C ARG A 36 -7.42 0.00 10.95
N LEU A 37 -7.85 0.56 9.80
CA LEU A 37 -7.15 0.43 8.49
C LEU A 37 -6.32 1.68 8.14
N SER A 38 -5.10 1.41 7.69
CA SER A 38 -4.29 2.38 6.95
C SER A 38 -4.01 1.81 5.56
N LEU A 39 -3.66 2.71 4.66
CA LEU A 39 -3.45 2.36 3.26
C LEU A 39 -2.12 2.96 2.79
N ILE A 40 -1.38 2.20 2.00
CA ILE A 40 -0.11 2.67 1.40
C ILE A 40 0.01 2.28 -0.08
N HIS A 41 0.38 3.27 -0.89
CA HIS A 41 0.94 3.01 -2.20
C HIS A 41 2.31 3.68 -2.32
N VAL A 42 3.26 2.89 -2.83
CA VAL A 42 4.64 3.33 -3.02
C VAL A 42 4.86 3.70 -4.49
N LEU A 43 5.31 4.92 -4.70
CA LEU A 43 5.76 5.38 -6.01
C LEU A 43 7.15 4.80 -6.30
N ASP A 44 7.21 3.89 -7.27
CA ASP A 44 8.47 3.24 -7.70
C ASP A 44 8.77 3.37 -9.20
N TYR A 53 21.65 8.29 -18.49
CA TYR A 53 21.81 9.37 -17.51
C TYR A 53 20.54 9.49 -16.68
N GLY A 54 20.33 8.50 -15.82
CA GLY A 54 19.06 8.31 -15.09
C GLY A 54 18.70 9.31 -14.00
N THR A 55 19.65 10.13 -13.56
CA THR A 55 19.38 11.24 -12.63
C THR A 55 19.16 12.59 -13.38
N ALA A 56 19.41 12.61 -14.70
CA ALA A 56 19.29 13.81 -15.56
C ALA A 56 17.85 14.07 -15.98
N ILE A 57 17.49 15.36 -16.02
CA ILE A 57 16.11 15.78 -16.26
C ILE A 57 16.04 16.40 -17.66
N PRO A 58 14.99 16.07 -18.45
CA PRO A 58 14.90 16.58 -19.81
C PRO A 58 14.63 18.11 -19.90
N LEU A 59 15.44 18.80 -20.69
CA LEU A 59 15.35 20.26 -20.78
C LEU A 59 14.42 20.77 -21.91
N ASP A 60 14.14 19.93 -22.92
CA ASP A 60 13.42 20.36 -24.15
C ASP A 60 11.95 19.95 -24.18
N THR A 61 11.50 19.33 -23.08
CA THR A 61 10.14 18.89 -22.96
C THR A 61 9.54 19.42 -21.66
N GLU A 62 8.23 19.65 -21.70
CA GLU A 62 7.46 20.06 -20.54
C GLU A 62 7.12 18.83 -19.67
N THR A 63 7.32 18.99 -18.37
CA THR A 63 7.08 17.91 -17.42
C THR A 63 5.60 17.96 -16.95
N THR A 64 5.11 16.79 -16.55
CA THR A 64 3.73 16.66 -16.08
C THR A 64 3.77 15.83 -14.82
N TYR A 65 4.77 16.10 -13.98
CA TYR A 65 4.88 15.39 -12.69
C TYR A 65 3.67 15.65 -11.77
N ASP A 66 3.07 16.85 -11.84
CA ASP A 66 1.94 17.15 -10.95
C ASP A 66 0.67 16.37 -11.38
N ALA A 67 0.41 16.29 -12.69
CA ALA A 67 -0.70 15.47 -13.21
C ALA A 67 -0.48 14.00 -12.86
N MET A 68 0.75 13.53 -13.06
CA MET A 68 1.21 12.15 -12.72
C MET A 68 0.90 11.81 -11.24
N LEU A 69 1.28 12.70 -10.34
CA LEU A 69 1.01 12.53 -8.90
C LEU A 69 -0.46 12.60 -8.55
N ASP A 70 -1.16 13.60 -9.10
CA ASP A 70 -2.63 13.67 -8.96
C ASP A 70 -3.35 12.36 -9.37
N VAL A 71 -2.95 11.76 -10.48
CA VAL A 71 -3.48 10.43 -10.88
C VAL A 71 -3.25 9.38 -9.77
N GLU A 72 -2.07 9.43 -9.15
CA GLU A 72 -1.73 8.47 -8.10
C GLU A 72 -2.59 8.75 -6.87
N LYS A 73 -2.74 10.04 -6.54
CA LYS A 73 -3.62 10.45 -5.45
C LYS A 73 -5.09 10.02 -5.64
N GLN A 74 -5.62 10.13 -6.87
CA GLN A 74 -7.01 9.78 -7.15
C GLN A 74 -7.23 8.28 -6.99
N LYS A 75 -6.29 7.45 -7.48
CA LYS A 75 -6.38 5.99 -7.30
C LYS A 75 -6.29 5.65 -5.81
N LEU A 76 -5.43 6.35 -5.06
CA LEU A 76 -5.30 6.10 -3.62
C LEU A 76 -6.62 6.46 -2.91
N SER A 77 -7.15 7.64 -3.27
CA SER A 77 -8.41 8.13 -2.71
C SER A 77 -9.65 7.28 -3.11
N GLN A 78 -9.75 6.78 -4.34
CA GLN A 78 -10.81 5.81 -4.67
C GLN A 78 -10.91 4.71 -3.64
N ILE A 79 -9.80 4.02 -3.42
CA ILE A 79 -9.71 2.96 -2.40
C ILE A 79 -9.91 3.46 -0.93
N GLY A 80 -9.25 4.54 -0.55
CA GLY A 80 -9.36 5.12 0.80
C GLY A 80 -10.80 5.47 1.13
N ASN A 81 -11.49 6.13 0.21
CA ASN A 81 -12.91 6.49 0.36
C ASN A 81 -13.80 5.26 0.54
N THR A 82 -13.58 4.22 -0.27
CA THR A 82 -14.30 2.94 -0.14
C THR A 82 -14.15 2.30 1.22
N LEU A 83 -12.97 2.42 1.82
CA LEU A 83 -12.66 1.76 3.05
C LEU A 83 -12.90 2.69 4.24
N GLY A 84 -13.29 3.93 3.96
CA GLY A 84 -13.51 4.91 5.02
C GLY A 84 -12.28 5.31 5.81
N ILE A 85 -11.12 5.22 5.17
CA ILE A 85 -9.85 5.51 5.85
C ILE A 85 -9.63 7.01 5.83
N ASP A 86 -9.39 7.63 6.99
CA ASP A 86 -9.11 9.08 7.04
C ASP A 86 -7.86 9.37 6.20
N PRO A 87 -7.87 10.44 5.39
CA PRO A 87 -6.66 10.77 4.63
C PRO A 87 -5.37 10.88 5.48
N ALA A 88 -5.49 11.19 6.78
CA ALA A 88 -4.34 11.11 7.73
C ALA A 88 -3.72 9.70 7.81
N HIS A 89 -4.45 8.66 7.39
CA HIS A 89 -3.94 7.28 7.38
C HIS A 89 -3.85 6.68 5.98
N ARG A 90 -3.71 7.55 4.97
CA ARG A 90 -3.40 7.08 3.64
C ARG A 90 -2.03 7.62 3.32
N TRP A 91 -1.22 6.76 2.69
CA TRP A 91 0.20 6.98 2.43
C TRP A 91 0.55 6.82 1.01
N LEU A 92 1.11 7.89 0.44
CA LEU A 92 1.70 7.85 -0.87
C LEU A 92 3.16 8.25 -0.69
N VAL A 93 4.09 7.30 -0.86
CA VAL A 93 5.50 7.52 -0.57
C VAL A 93 6.34 7.06 -1.74
N TRP A 94 7.53 7.62 -1.90
CA TRP A 94 8.41 7.14 -2.97
C TRP A 94 9.48 6.28 -2.40
N GLY A 95 9.92 5.29 -3.16
CA GLY A 95 10.95 4.39 -2.67
C GLY A 95 10.78 2.99 -3.18
N GLU A 96 11.47 2.07 -2.52
CA GLU A 96 11.32 0.68 -2.83
C GLU A 96 10.14 0.17 -2.02
N PRO A 97 9.14 -0.46 -2.67
CA PRO A 97 7.95 -0.95 -1.99
C PRO A 97 8.21 -1.68 -0.67
N ARG A 98 9.01 -2.75 -0.69
CA ARG A 98 9.31 -3.49 0.55
C ARG A 98 9.81 -2.53 1.66
N GLU A 99 10.79 -1.70 1.34
CA GLU A 99 11.40 -0.82 2.36
C GLU A 99 10.36 0.14 2.94
N GLU A 100 9.63 0.82 2.07
CA GLU A 100 8.68 1.86 2.51
C GLU A 100 7.42 1.27 3.21
N ILE A 101 6.94 0.11 2.74
CA ILE A 101 5.84 -0.58 3.40
C ILE A 101 6.23 -0.92 4.85
N ILE A 102 7.42 -1.48 5.05
CA ILE A 102 7.90 -1.78 6.41
C ILE A 102 8.17 -0.47 7.22
N ARG A 103 8.75 0.54 6.57
CA ARG A 103 9.00 1.83 7.23
C ARG A 103 7.70 2.45 7.82
N ILE A 104 6.66 2.56 7.02
CA ILE A 104 5.36 3.11 7.47
C ILE A 104 4.68 2.21 8.51
N ALA A 105 4.77 0.88 8.33
CA ALA A 105 4.25 -0.10 9.32
C ALA A 105 4.82 0.18 10.70
N GLU A 106 6.14 0.25 10.76
CA GLU A 106 6.87 0.53 12.01
C GLU A 106 6.55 1.96 12.54
N GLN A 107 6.60 2.95 11.66
CA GLN A 107 6.32 4.37 12.04
C GLN A 107 4.91 4.52 12.65
N GLU A 108 3.96 3.78 12.10
CA GLU A 108 2.55 3.88 12.43
C GLU A 108 2.00 2.82 13.40
N ASN A 109 2.87 1.98 13.94
CA ASN A 109 2.46 1.03 14.99
C ASN A 109 1.44 0.02 14.43
N VAL A 110 1.67 -0.43 13.20
CA VAL A 110 0.77 -1.38 12.53
C VAL A 110 1.06 -2.77 13.12
N ASP A 111 0.04 -3.62 13.28
CA ASP A 111 0.31 -5.01 13.71
C ASP A 111 -0.03 -6.09 12.68
N LEU A 112 -0.59 -5.72 11.55
CA LEU A 112 -0.71 -6.65 10.43
C LEU A 112 -0.55 -5.90 9.14
N ILE A 113 0.36 -6.38 8.29
CA ILE A 113 0.57 -5.85 6.97
C ILE A 113 -0.13 -6.84 6.01
N VAL A 114 -0.97 -6.28 5.15
CA VAL A 114 -1.61 -7.08 4.09
C VAL A 114 -0.99 -6.74 2.72
N VAL A 115 -0.49 -7.77 2.04
CA VAL A 115 0.08 -7.67 0.72
C VAL A 115 -0.54 -8.74 -0.19
N GLY A 116 -0.59 -8.48 -1.49
CA GLY A 116 -0.96 -9.46 -2.48
C GLY A 116 0.22 -10.32 -2.84
N SER A 117 -0.07 -11.49 -3.39
CA SER A 117 0.95 -12.44 -3.74
C SER A 117 0.53 -13.21 -4.98
N HIS A 118 1.42 -13.28 -5.97
CA HIS A 118 1.15 -14.06 -7.19
C HIS A 118 1.71 -15.47 -7.12
N LEU A 127 12.18 -14.58 -8.30
CA LEU A 127 11.91 -13.49 -7.35
C LEU A 127 12.01 -13.97 -5.88
N GLY A 128 12.19 -13.07 -4.91
CA GLY A 128 12.32 -11.60 -5.12
C GLY A 128 11.03 -10.76 -5.07
N SER A 129 9.88 -11.42 -4.86
CA SER A 129 8.57 -10.72 -4.81
C SER A 129 8.42 -9.75 -3.61
N THR A 130 7.51 -8.79 -3.72
CA THR A 130 7.27 -7.86 -2.61
C THR A 130 6.74 -8.62 -1.37
N ALA A 131 5.75 -9.50 -1.58
CA ALA A 131 5.21 -10.29 -0.45
C ALA A 131 6.33 -11.00 0.34
N ASN A 132 7.14 -11.77 -0.38
CA ASN A 132 8.24 -12.49 0.26
C ASN A 132 9.24 -11.56 0.94
N SER A 133 9.53 -10.40 0.34
CA SER A 133 10.48 -9.44 0.97
C SER A 133 9.93 -8.79 2.23
N VAL A 134 8.66 -8.40 2.19
CA VAL A 134 8.01 -7.84 3.38
C VAL A 134 7.96 -8.88 4.51
N LEU A 135 7.59 -10.12 4.20
CA LEU A 135 7.72 -11.26 5.16
C LEU A 135 9.12 -11.32 5.84
N HIS A 136 10.17 -11.24 5.02
CA HIS A 136 11.54 -11.38 5.50
C HIS A 136 12.00 -10.28 6.44
N TYR A 137 11.49 -9.07 6.29
CA TYR A 137 11.92 -7.91 7.10
C TYR A 137 10.84 -7.41 8.08
N ALA A 138 9.59 -7.87 7.97
CA ALA A 138 8.49 -7.30 8.78
C ALA A 138 8.70 -7.56 10.27
N LYS A 139 8.45 -6.58 11.12
CA LYS A 139 8.56 -6.83 12.55
C LYS A 139 7.17 -7.16 13.12
N CYS A 140 6.17 -7.34 12.23
CA CYS A 140 4.81 -7.62 12.62
C CYS A 140 4.22 -8.73 11.75
N ASP A 141 3.00 -9.15 12.03
CA ASP A 141 2.43 -10.25 11.27
C ASP A 141 2.15 -9.76 9.84
N VAL A 142 2.17 -10.70 8.88
CA VAL A 142 1.98 -10.41 7.47
C VAL A 142 0.91 -11.36 6.88
N LEU A 143 -0.10 -10.76 6.29
CA LEU A 143 -1.12 -11.49 5.48
C LEU A 143 -0.87 -11.34 3.98
N ALA A 144 -0.62 -12.46 3.32
CA ALA A 144 -0.39 -12.53 1.89
C ALA A 144 -1.64 -13.12 1.25
N VAL A 145 -2.37 -12.22 0.63
CA VAL A 145 -3.58 -12.56 -0.11
C VAL A 145 -3.22 -13.04 -1.50
N ARG A 146 -3.63 -14.27 -1.81
CA ARG A 146 -3.23 -14.92 -3.02
C ARG A 146 -4.05 -14.28 -4.14
N LEU A 147 -3.37 -13.69 -5.12
CA LEU A 147 -4.03 -12.91 -6.19
C LEU A 147 -4.26 -13.80 -7.42
N ARG A 148 -5.27 -13.44 -8.21
CA ARG A 148 -5.47 -14.06 -9.53
C ARG A 148 -4.40 -13.53 -10.51
N ASP A 149 -3.23 -14.17 -10.48
CA ASP A 149 -2.05 -13.80 -11.28
C ASP A 149 -2.30 -14.01 -12.77
P AMP B . 4.69 -7.72 -6.64
O1P AMP B . 5.55 -6.45 -6.68
O2P AMP B . 5.30 -8.88 -5.91
O3P AMP B . 4.02 -8.05 -7.96
O5' AMP B . 3.44 -7.17 -5.77
C5' AMP B . 2.35 -7.90 -5.19
C4' AMP B . 1.84 -7.08 -3.99
O4' AMP B . 2.89 -6.34 -3.37
C3' AMP B . 0.77 -6.04 -4.27
O3' AMP B . -0.56 -6.55 -4.21
C2' AMP B . 0.97 -5.07 -3.14
O2' AMP B . 0.34 -5.68 -2.00
C1' AMP B . 2.44 -5.07 -2.90
N9 AMP B . 3.05 -4.02 -3.73
C8 AMP B . 3.83 -4.17 -4.83
N7 AMP B . 4.18 -2.96 -5.34
C5 AMP B . 3.62 -2.01 -4.52
C6 AMP B . 3.60 -0.53 -4.44
N6 AMP B . 4.23 0.25 -5.36
N1 AMP B . 2.91 0.04 -3.42
C2 AMP B . 2.27 -0.69 -2.50
N3 AMP B . 2.22 -2.04 -2.51
C4 AMP B . 2.89 -2.73 -3.46
#